data_5E8B
#
_entry.id   5E8B
#
_cell.length_a   93.868
_cell.length_b   93.868
_cell.length_c   75.344
_cell.angle_alpha   90.00
_cell.angle_beta   90.00
_cell.angle_gamma   120.00
#
_symmetry.space_group_name_H-M   'H 3 2'
#
loop_
_entity.id
_entity.type
_entity.pdbx_description
1 polymer 'RNA polymerase-associated protein RTF1'
2 non-polymer 'SODIUM ION'
3 non-polymer BENZAMIDINE
4 water water
#
_entity_poly.entity_id   1
_entity_poly.type   'polypeptide(L)'
_entity_poly.pdbx_seq_one_letter_code
;SEEEANPFPLEGKYKDESDREHLESLPEMERETLLFERSQIMQKYQERKLFRAAGRDMKEQQQRAKN
;
_entity_poly.pdbx_strand_id   A,B
#
# COMPACT_ATOMS: atom_id res chain seq x y z
N GLU A 3 16.31 -16.41 -1.31
CA GLU A 3 14.87 -16.16 -1.42
C GLU A 3 14.54 -14.74 -1.84
N GLU A 4 13.72 -14.62 -2.89
CA GLU A 4 13.34 -13.35 -3.47
C GLU A 4 11.94 -12.95 -2.98
N ALA A 5 11.79 -11.66 -2.66
CA ALA A 5 10.50 -11.18 -2.15
C ALA A 5 9.43 -11.17 -3.24
N ASN A 6 8.28 -11.70 -2.89
CA ASN A 6 7.09 -11.64 -3.72
C ASN A 6 6.68 -10.18 -3.94
N PRO A 7 6.66 -9.69 -5.17
CA PRO A 7 6.36 -8.28 -5.39
C PRO A 7 4.89 -7.93 -5.21
N PHE A 8 3.99 -8.89 -5.32
CA PHE A 8 2.54 -8.63 -5.21
C PHE A 8 1.91 -9.70 -4.34
N PRO A 9 2.18 -9.65 -3.03
CA PRO A 9 1.73 -10.74 -2.15
C PRO A 9 0.25 -10.71 -1.83
N LEU A 10 -0.46 -9.62 -2.17
CA LEU A 10 -1.89 -9.53 -1.88
C LEU A 10 -2.68 -10.00 -3.10
N GLU A 11 -3.30 -11.16 -2.98
CA GLU A 11 -4.14 -11.74 -4.01
C GLU A 11 -3.40 -11.92 -5.33
N GLY A 12 -2.09 -12.02 -5.26
CA GLY A 12 -1.26 -12.27 -6.42
C GLY A 12 -1.12 -11.10 -7.36
N LYS A 13 -1.67 -9.92 -7.03
CA LYS A 13 -1.61 -8.81 -7.98
C LYS A 13 -1.51 -7.44 -7.34
N TYR A 14 -1.58 -7.34 -6.00
CA TYR A 14 -1.46 -6.06 -5.29
C TYR A 14 -0.33 -6.12 -4.27
N LYS A 15 0.22 -4.94 -3.97
CA LYS A 15 1.31 -4.83 -3.00
C LYS A 15 0.81 -4.88 -1.57
N ASP A 16 -0.36 -4.27 -1.34
CA ASP A 16 -0.98 -4.09 -0.03
C ASP A 16 -2.32 -3.40 -0.27
N GLU A 17 -3.06 -3.07 0.79
CA GLU A 17 -4.44 -2.62 0.61
C GLU A 17 -4.51 -1.24 -0.07
N SER A 18 -3.58 -0.33 0.22
CA SER A 18 -3.72 0.98 -0.41
C SER A 18 -3.40 0.89 -1.90
N ASP A 19 -2.50 -0.02 -2.27
CA ASP A 19 -2.23 -0.28 -3.68
C ASP A 19 -3.46 -0.88 -4.36
N ARG A 20 -4.12 -1.83 -3.69
CA ARG A 20 -5.36 -2.37 -4.24
C ARG A 20 -6.38 -1.26 -4.47
N GLU A 21 -6.61 -0.42 -3.45
CA GLU A 21 -7.61 0.64 -3.58
C GLU A 21 -7.24 1.59 -4.70
N HIS A 22 -5.96 1.88 -4.85
CA HIS A 22 -5.52 2.76 -5.93
C HIS A 22 -5.82 2.14 -7.30
N LEU A 23 -5.37 0.91 -7.53
CA LEU A 23 -5.64 0.28 -8.82
C LEU A 23 -7.13 0.19 -9.09
N GLU A 24 -7.90 -0.15 -8.08
CA GLU A 24 -9.34 -0.29 -8.27
C GLU A 24 -10.02 1.04 -8.54
N SER A 25 -9.35 2.16 -8.26
CA SER A 25 -9.91 3.47 -8.56
C SER A 25 -9.54 3.98 -9.95
N LEU A 26 -8.65 3.30 -10.66
CA LEU A 26 -8.19 3.78 -11.95
C LEU A 26 -9.22 3.49 -13.04
N PRO A 27 -9.12 4.19 -14.17
CA PRO A 27 -9.94 3.82 -15.33
C PRO A 27 -9.60 2.41 -15.79
N GLU A 28 -10.56 1.78 -16.47
CA GLU A 28 -10.41 0.39 -16.88
C GLU A 28 -9.12 0.15 -17.66
N MET A 29 -8.84 0.97 -18.68
CA MET A 29 -7.67 0.71 -19.52
C MET A 29 -6.38 0.73 -18.71
N GLU A 30 -6.24 1.72 -17.83
CA GLU A 30 -5.04 1.82 -17.01
C GLU A 30 -4.95 0.63 -16.06
N ARG A 31 -6.07 0.28 -15.41
CA ARG A 31 -6.05 -0.83 -14.46
C ARG A 31 -5.66 -2.13 -15.16
N GLU A 32 -6.28 -2.42 -16.31
CA GLU A 32 -6.01 -3.69 -16.98
C GLU A 32 -4.59 -3.72 -17.52
N THR A 33 -4.05 -2.56 -17.90
CA THR A 33 -2.66 -2.51 -18.36
C THR A 33 -1.71 -2.82 -17.21
N LEU A 34 -1.92 -2.19 -16.05
CA LEU A 34 -1.07 -2.47 -14.90
C LEU A 34 -1.20 -3.93 -14.45
N LEU A 35 -2.42 -4.49 -14.47
CA LEU A 35 -2.55 -5.90 -14.08
C LEU A 35 -1.84 -6.82 -15.05
N PHE A 36 -1.87 -6.49 -16.35
CA PHE A 36 -1.08 -7.26 -17.30
C PHE A 36 0.42 -7.16 -16.99
N GLU A 37 0.92 -5.93 -16.80
CA GLU A 37 2.32 -5.75 -16.41
C GLU A 37 2.66 -6.62 -15.21
N ARG A 38 1.81 -6.59 -14.18
CA ARG A 38 2.08 -7.33 -12.97
C ARG A 38 2.04 -8.83 -13.18
N SER A 39 1.16 -9.31 -14.07
CA SER A 39 1.11 -10.74 -14.34
C SER A 39 2.41 -11.20 -14.98
N GLN A 40 3.07 -10.34 -15.77
CA GLN A 40 4.37 -10.69 -16.34
C GLN A 40 5.43 -10.76 -15.25
N ILE A 41 5.45 -9.74 -14.38
CA ILE A 41 6.40 -9.72 -13.26
C ILE A 41 6.24 -10.97 -12.42
N MET A 42 4.99 -11.37 -12.14
CA MET A 42 4.73 -12.51 -11.29
C MET A 42 5.13 -13.83 -11.96
N GLN A 43 4.95 -13.94 -13.27
CA GLN A 43 5.41 -15.14 -13.97
C GLN A 43 6.92 -15.29 -13.84
N LYS A 44 7.66 -14.19 -14.02
CA LYS A 44 9.11 -14.24 -13.90
C LYS A 44 9.53 -14.55 -12.48
N TYR A 45 8.84 -13.95 -11.49
CA TYR A 45 9.11 -14.26 -10.09
C TYR A 45 8.89 -15.74 -9.80
N GLN A 46 7.78 -16.29 -10.29
CA GLN A 46 7.46 -17.69 -10.01
C GLN A 46 8.41 -18.63 -10.75
N GLU A 47 8.79 -18.26 -11.98
CA GLU A 47 9.79 -19.05 -12.70
C GLU A 47 11.10 -19.12 -11.93
N ARG A 48 11.58 -17.97 -11.43
CA ARG A 48 12.83 -17.95 -10.68
C ARG A 48 12.71 -18.77 -9.39
N LYS A 49 11.54 -18.72 -8.76
CA LYS A 49 11.32 -19.50 -7.54
C LYS A 49 11.35 -20.99 -7.83
N LEU A 50 10.75 -21.40 -8.94
CA LEU A 50 10.81 -22.80 -9.37
C LEU A 50 12.25 -23.24 -9.62
N PHE A 51 13.01 -22.42 -10.34
CA PHE A 51 14.39 -22.80 -10.63
C PHE A 51 15.22 -22.88 -9.34
N ARG A 52 14.97 -22.00 -8.37
CA ARG A 52 15.67 -22.09 -7.10
C ARG A 52 15.34 -23.40 -6.39
N ALA A 53 14.07 -23.80 -6.39
CA ALA A 53 13.69 -25.07 -5.78
C ALA A 53 14.39 -26.24 -6.44
N ALA A 54 14.54 -26.21 -7.77
CA ALA A 54 15.16 -27.32 -8.49
C ALA A 54 16.66 -27.40 -8.25
N GLY A 55 17.30 -26.25 -7.99
CA GLY A 55 18.72 -26.20 -7.76
C GLY A 55 19.14 -26.59 -6.37
N ARG A 56 18.18 -26.91 -5.50
CA ARG A 56 18.49 -27.38 -4.16
C ARG A 56 18.57 -28.91 -4.11
N GLU B 4 -13.01 1.28 15.94
CA GLU B 4 -12.48 2.08 14.85
C GLU B 4 -11.02 1.78 14.62
N ALA B 5 -10.71 1.43 13.39
CA ALA B 5 -9.35 1.07 13.06
C ALA B 5 -8.47 2.31 12.85
N ASN B 6 -7.22 2.19 13.21
CA ASN B 6 -6.24 3.24 13.04
C ASN B 6 -6.05 3.46 11.56
N PRO B 7 -6.29 4.67 11.10
CA PRO B 7 -6.21 4.90 9.65
C PRO B 7 -4.78 5.02 9.11
N PHE B 8 -3.79 5.31 9.95
CA PHE B 8 -2.41 5.47 9.52
C PHE B 8 -1.50 4.73 10.50
N PRO B 9 -1.50 3.39 10.45
CA PRO B 9 -0.78 2.62 11.46
C PRO B 9 0.72 2.56 11.26
N LEU B 10 1.24 2.92 10.07
CA LEU B 10 2.66 2.83 9.79
C LEU B 10 3.30 4.18 10.09
N GLU B 11 4.19 4.17 11.09
CA GLU B 11 4.87 5.38 11.56
C GLU B 11 3.90 6.48 11.99
N GLY B 12 2.63 6.14 12.23
CA GLY B 12 1.65 7.12 12.62
C GLY B 12 1.16 8.04 11.52
N LYS B 13 1.58 7.81 10.28
CA LYS B 13 1.18 8.72 9.21
C LYS B 13 1.04 8.06 7.84
N TYR B 14 1.29 6.76 7.71
CA TYR B 14 1.12 6.04 6.44
C TYR B 14 0.15 4.89 6.64
N LYS B 15 -0.55 4.54 5.56
CA LYS B 15 -1.48 3.42 5.60
C LYS B 15 -0.74 2.09 5.59
N ASP B 16 0.33 2.02 4.83
CA ASP B 16 1.08 0.80 4.54
C ASP B 16 2.26 1.19 3.67
N GLU B 17 3.04 0.19 3.25
CA GLU B 17 4.32 0.48 2.62
C GLU B 17 4.14 1.20 1.29
N SER B 18 3.18 0.79 0.46
CA SER B 18 3.07 1.44 -0.85
C SER B 18 2.55 2.87 -0.70
N ASP B 19 1.75 3.15 0.34
CA ASP B 19 1.33 4.51 0.61
C ASP B 19 2.50 5.36 1.04
N ARG B 20 3.36 4.80 1.90
CA ARG B 20 4.55 5.53 2.30
C ARG B 20 5.42 5.86 1.10
N GLU B 21 5.67 4.85 0.25
CA GLU B 21 6.49 5.04 -0.94
C GLU B 21 5.89 6.11 -1.84
N HIS B 22 4.56 6.12 -1.96
CA HIS B 22 3.90 7.14 -2.78
C HIS B 22 4.14 8.54 -2.22
N LEU B 23 3.92 8.72 -0.92
CA LEU B 23 4.12 10.04 -0.34
C LEU B 23 5.59 10.46 -0.46
N GLU B 24 6.51 9.50 -0.40
CA GLU B 24 7.93 9.79 -0.55
C GLU B 24 8.32 10.13 -1.98
N SER B 25 7.42 9.91 -2.93
CA SER B 25 7.67 10.23 -4.32
C SER B 25 7.03 11.54 -4.74
N LEU B 26 6.29 12.22 -3.84
CA LEU B 26 5.59 13.44 -4.20
C LEU B 26 6.46 14.66 -4.04
N PRO B 27 6.11 15.77 -4.68
CA PRO B 27 6.78 17.04 -4.36
C PRO B 27 6.62 17.36 -2.88
N GLU B 28 7.60 18.10 -2.36
CA GLU B 28 7.63 18.39 -0.94
C GLU B 28 6.35 19.09 -0.48
N MET B 29 5.85 20.07 -1.23
CA MET B 29 4.65 20.79 -0.77
C MET B 29 3.46 19.86 -0.63
N GLU B 30 3.24 18.99 -1.61
CA GLU B 30 2.12 18.05 -1.56
C GLU B 30 2.29 17.09 -0.40
N ARG B 31 3.50 16.55 -0.24
CA ARG B 31 3.74 15.62 0.85
C ARG B 31 3.45 16.26 2.20
N GLU B 32 3.95 17.47 2.44
CA GLU B 32 3.73 18.09 3.74
C GLU B 32 2.27 18.47 3.94
N THR B 33 1.56 18.80 2.87
CA THR B 33 0.12 19.06 2.99
C THR B 33 -0.62 17.79 3.39
N LEU B 34 -0.36 16.68 2.71
CA LEU B 34 -1.01 15.43 3.08
C LEU B 34 -0.65 15.02 4.50
N LEU B 35 0.60 15.20 4.91
CA LEU B 35 0.95 14.84 6.29
C LEU B 35 0.21 15.72 7.29
N PHE B 36 -0.01 16.99 6.96
CA PHE B 36 -0.80 17.82 7.86
C PHE B 36 -2.24 17.34 7.92
N GLU B 37 -2.85 17.10 6.75
CA GLU B 37 -4.19 16.54 6.72
C GLU B 37 -4.29 15.28 7.59
N ARG B 38 -3.28 14.40 7.48
CA ARG B 38 -3.32 13.15 8.23
C ARG B 38 -3.14 13.39 9.73
N SER B 39 -2.37 14.42 10.12
CA SER B 39 -2.21 14.68 11.54
C SER B 39 -3.53 15.14 12.15
N GLN B 40 -4.36 15.84 11.37
CA GLN B 40 -5.69 16.20 11.82
C GLN B 40 -6.56 14.96 11.99
N ILE B 41 -6.53 14.07 11.00
CA ILE B 41 -7.31 12.84 11.05
C ILE B 41 -6.93 12.05 12.26
N MET B 42 -5.63 11.95 12.53
CA MET B 42 -5.15 11.16 13.66
C MET B 42 -5.49 11.80 15.00
N GLN B 43 -5.51 13.13 15.09
CA GLN B 43 -5.94 13.75 16.34
C GLN B 43 -7.41 13.42 16.64
N LYS B 44 -8.27 13.51 15.62
CA LYS B 44 -9.67 13.18 15.81
C LYS B 44 -9.86 11.70 16.13
N TYR B 45 -9.08 10.84 15.47
CA TYR B 45 -9.12 9.40 15.76
C TYR B 45 -8.78 9.15 17.21
N GLN B 46 -7.71 9.77 17.70
CA GLN B 46 -7.25 9.52 19.06
C GLN B 46 -8.21 10.12 20.07
N GLU B 47 -8.83 11.27 19.73
CA GLU B 47 -9.82 11.86 20.62
C GLU B 47 -11.02 10.94 20.78
N ARG B 48 -11.52 10.41 19.66
CA ARG B 48 -12.64 9.47 19.72
C ARG B 48 -12.27 8.23 20.52
N LYS B 49 -11.04 7.76 20.37
CA LYS B 49 -10.59 6.57 21.09
C LYS B 49 -10.55 6.83 22.60
N LEU B 50 -10.09 8.02 22.99
CA LEU B 50 -10.09 8.42 24.39
C LEU B 50 -11.51 8.48 24.94
N PHE B 51 -12.42 9.12 24.20
CA PHE B 51 -13.77 9.25 24.70
C PHE B 51 -14.46 7.90 24.79
N ARG B 52 -14.17 7.00 23.85
CA ARG B 52 -14.73 5.67 23.94
C ARG B 52 -14.22 4.94 25.18
N ALA B 53 -12.94 5.13 25.49
CA ALA B 53 -12.36 4.47 26.66
C ALA B 53 -12.99 4.98 27.95
N ALA B 54 -13.41 6.25 27.97
CA ALA B 54 -14.02 6.82 29.17
C ALA B 54 -15.48 6.46 29.31
N GLY B 55 -16.12 6.01 28.23
CA GLY B 55 -17.54 5.70 28.25
C GLY B 55 -17.86 4.27 28.64
#